data_8U51
#
_entry.id   8U51
#
_cell.length_a   1.00
_cell.length_b   1.00
_cell.length_c   1.00
_cell.angle_alpha   90.00
_cell.angle_beta   90.00
_cell.angle_gamma   90.00
#
_symmetry.space_group_name_H-M   'P 1'
#
loop_
_entity.id
_entity.type
_entity.pdbx_description
1 polymer 'Klebsiella pneumoniae family 1 encapsulin shell'
2 polymer 'SUMO-targeting peptide fusion protein'
#
loop_
_entity_poly.entity_id
_entity_poly.type
_entity_poly.pdbx_seq_one_letter_code
_entity_poly.pdbx_strand_id
1 'polypeptide(L)'
;MNNLHRELAPVSDAAWEQIEEEASRTLKRFLAARRVVDVSDPQGPAFSAVGTGHVTRLEGPGDSVGAVKRQSQPVVEFRV
PFILTRQAIDDVERGSQDSDWSPLKEAARKIAGAEDRAVFDGYAAAGIGGIRPQSSNSPLTLPVAASGYPDVIARALDQL
RVAGVNGPYHLVLGENAYTLITSGNEDGYPVLQHIHRLIDGEIVWAPAIEGGVLLSTRGGDFAMDIGQDISIGYLSHTAT
HVELYLQESFTFRTLTSEAVVSLLPSED
;
A
2 'polypeptide(L)' SGSLNIGSLK B
#
# COMPACT_ATOMS: atom_id res chain seq x y z
N MET A 1 -17.62 -23.22 2.54
CA MET A 1 -16.38 -23.22 1.77
C MET A 1 -16.38 -22.13 0.71
N ASN A 2 -15.34 -21.31 0.72
CA ASN A 2 -15.09 -20.33 -0.32
C ASN A 2 -13.76 -20.67 -0.99
N ASN A 3 -13.29 -19.78 -1.88
CA ASN A 3 -12.08 -20.06 -2.63
C ASN A 3 -10.84 -20.23 -1.75
N LEU A 4 -10.86 -19.67 -0.54
CA LEU A 4 -9.82 -19.96 0.46
C LEU A 4 -10.23 -21.23 1.18
N HIS A 5 -9.75 -22.38 0.69
CA HIS A 5 -10.15 -23.68 1.22
C HIS A 5 -9.42 -23.92 2.55
N ARG A 6 -9.81 -23.13 3.54
CA ARG A 6 -9.13 -23.17 4.84
C ARG A 6 -9.40 -24.46 5.59
N GLU A 7 -10.60 -25.03 5.46
CA GLU A 7 -10.94 -26.25 6.19
C GLU A 7 -10.19 -27.46 5.66
N LEU A 8 -9.62 -27.37 4.47
CA LEU A 8 -8.85 -28.48 3.92
C LEU A 8 -7.40 -28.50 4.42
N ALA A 9 -6.96 -27.46 5.11
CA ALA A 9 -5.59 -27.40 5.60
C ALA A 9 -5.46 -28.16 6.92
N PRO A 10 -4.43 -28.99 7.08
CA PRO A 10 -4.19 -29.64 8.38
C PRO A 10 -3.63 -28.69 9.42
N VAL A 11 -4.45 -27.71 9.81
CA VAL A 11 -4.06 -26.63 10.71
C VAL A 11 -5.13 -26.50 11.78
N SER A 12 -4.72 -26.56 13.05
CA SER A 12 -5.66 -26.47 14.15
C SER A 12 -6.15 -25.03 14.33
N ASP A 13 -7.19 -24.87 15.16
CA ASP A 13 -7.76 -23.55 15.40
C ASP A 13 -6.78 -22.63 16.09
N ALA A 14 -6.04 -23.13 17.09
CA ALA A 14 -5.06 -22.30 17.79
C ALA A 14 -3.96 -21.85 16.85
N ALA A 15 -3.48 -22.76 16.00
CA ALA A 15 -2.47 -22.39 15.01
C ALA A 15 -3.00 -21.33 14.05
N TRP A 16 -4.27 -21.46 13.64
CA TRP A 16 -4.87 -20.46 12.78
C TRP A 16 -4.91 -19.10 13.46
N GLU A 17 -5.29 -19.07 14.73
CA GLU A 17 -5.35 -17.81 15.47
C GLU A 17 -3.98 -17.16 15.56
N GLN A 18 -2.95 -17.94 15.90
CA GLN A 18 -1.60 -17.39 16.00
C GLN A 18 -1.11 -16.87 14.65
N ILE A 19 -1.38 -17.63 13.58
CA ILE A 19 -0.97 -17.21 12.24
C ILE A 19 -1.64 -15.91 11.85
N GLU A 20 -2.95 -15.79 12.11
CA GLU A 20 -3.66 -14.57 11.75
C GLU A 20 -3.17 -13.38 12.56
N GLU A 21 -2.91 -13.57 13.86
CA GLU A 21 -2.38 -12.48 14.67
C GLU A 21 -1.03 -12.00 14.15
N GLU A 22 -0.14 -12.94 13.83
CA GLU A 22 1.18 -12.57 13.32
C GLU A 22 1.06 -11.82 11.99
N ALA A 23 0.20 -12.32 11.09
CA ALA A 23 0.04 -11.68 9.79
C ALA A 23 -0.51 -10.27 9.95
N SER A 24 -1.52 -10.08 10.80
CA SER A 24 -2.08 -8.76 11.00
C SER A 24 -1.04 -7.79 11.55
N ARG A 25 -0.28 -8.22 12.55
CA ARG A 25 0.75 -7.36 13.13
C ARG A 25 1.78 -6.95 12.09
N THR A 26 2.32 -7.93 11.34
CA THR A 26 3.37 -7.63 10.39
C THR A 26 2.86 -6.74 9.25
N LEU A 27 1.64 -7.01 8.77
CA LEU A 27 1.09 -6.19 7.69
C LEU A 27 0.83 -4.77 8.16
N LYS A 28 0.29 -4.59 9.36
CA LYS A 28 0.07 -3.25 9.87
C LYS A 28 1.39 -2.51 10.06
N ARG A 29 2.46 -3.22 10.42
CA ARG A 29 3.75 -2.57 10.52
C ARG A 29 4.31 -2.19 9.15
N PHE A 30 4.03 -2.98 8.12
CA PHE A 30 4.65 -2.74 6.82
C PHE A 30 3.80 -1.93 5.85
N LEU A 31 2.49 -1.85 6.05
CA LEU A 31 1.62 -1.19 5.08
C LEU A 31 1.64 0.31 5.29
N ALA A 32 2.12 1.04 4.29
CA ALA A 32 2.29 2.49 4.36
C ALA A 32 1.30 3.27 3.53
N ALA A 33 0.95 2.78 2.33
CA ALA A 33 0.06 3.52 1.45
C ALA A 33 -1.33 3.69 2.04
N ARG A 34 -1.78 2.73 2.85
CA ARG A 34 -3.11 2.79 3.44
C ARG A 34 -3.26 3.90 4.47
N ARG A 35 -2.17 4.53 4.88
CA ARG A 35 -2.24 5.58 5.89
C ARG A 35 -2.49 6.96 5.29
N VAL A 36 -2.33 7.13 3.98
CA VAL A 36 -2.45 8.44 3.35
C VAL A 36 -3.36 8.39 2.13
N VAL A 37 -4.09 7.30 1.97
CA VAL A 37 -4.89 7.07 0.77
C VAL A 37 -6.29 6.66 1.18
N ASP A 38 -7.29 7.14 0.42
CA ASP A 38 -8.69 6.78 0.67
C ASP A 38 -8.89 5.31 0.36
N VAL A 39 -9.13 4.51 1.40
CA VAL A 39 -9.34 3.08 1.26
C VAL A 39 -10.82 2.79 1.46
N SER A 40 -11.44 2.14 0.49
CA SER A 40 -12.84 1.78 0.58
C SER A 40 -13.02 0.49 1.37
N ASP A 41 -14.26 0.22 1.76
CA ASP A 41 -14.60 -1.06 2.35
C ASP A 41 -14.50 -2.16 1.28
N PRO A 42 -14.16 -3.39 1.69
CA PRO A 42 -14.05 -4.47 0.71
C PRO A 42 -15.37 -4.70 -0.02
N GLN A 43 -15.29 -4.79 -1.35
CA GLN A 43 -16.47 -4.85 -2.20
C GLN A 43 -16.84 -6.27 -2.61
N GLY A 44 -16.13 -7.28 -2.13
CA GLY A 44 -16.50 -8.65 -2.40
C GLY A 44 -15.70 -9.29 -3.51
N PRO A 45 -15.82 -10.61 -3.64
CA PRO A 45 -15.03 -11.33 -4.66
C PRO A 45 -15.47 -11.08 -6.08
N ALA A 46 -16.71 -10.63 -6.30
CA ALA A 46 -17.20 -10.43 -7.65
C ALA A 46 -16.75 -9.10 -8.24
N PHE A 47 -16.25 -8.19 -7.40
CA PHE A 47 -15.86 -6.86 -7.85
C PHE A 47 -14.70 -6.95 -8.84
N SER A 48 -14.94 -6.49 -10.08
CA SER A 48 -14.03 -6.76 -11.18
C SER A 48 -13.47 -5.52 -11.87
N ALA A 49 -14.16 -4.39 -11.84
CA ALA A 49 -13.66 -3.19 -12.51
C ALA A 49 -14.28 -1.97 -11.87
N VAL A 50 -13.64 -0.82 -12.10
CA VAL A 50 -14.15 0.47 -11.63
C VAL A 50 -14.34 1.38 -12.83
N GLY A 51 -15.54 1.94 -12.97
CA GLY A 51 -15.81 2.82 -14.09
C GLY A 51 -15.19 4.19 -13.89
N THR A 52 -14.47 4.66 -14.89
CA THR A 52 -13.80 5.95 -14.81
C THR A 52 -14.67 7.12 -15.24
N GLY A 53 -15.80 6.85 -15.87
CA GLY A 53 -16.70 7.89 -16.33
C GLY A 53 -16.45 8.41 -17.73
N HIS A 54 -15.37 7.97 -18.38
CA HIS A 54 -15.02 8.45 -19.71
C HIS A 54 -15.42 7.45 -20.78
N VAL A 55 -15.48 7.92 -22.02
CA VAL A 55 -15.93 7.11 -23.15
C VAL A 55 -14.91 7.20 -24.27
N THR A 56 -14.97 6.20 -25.15
CA THR A 56 -14.08 6.18 -26.33
C THR A 56 -14.98 6.01 -27.56
N ARG A 57 -14.77 6.84 -28.58
CA ARG A 57 -15.55 6.78 -29.81
C ARG A 57 -15.26 5.50 -30.58
N LEU A 58 -16.31 4.86 -31.09
CA LEU A 58 -16.18 3.63 -31.86
C LEU A 58 -16.55 3.87 -33.31
N GLU A 59 -16.16 2.93 -34.16
CA GLU A 59 -16.69 2.90 -35.52
C GLU A 59 -18.15 2.47 -35.45
N GLY A 60 -19.01 3.25 -36.10
CA GLY A 60 -20.45 3.11 -35.93
C GLY A 60 -20.99 1.77 -36.40
N PRO A 61 -22.05 1.31 -35.73
CA PRO A 61 -22.68 0.05 -36.17
C PRO A 61 -23.22 0.11 -37.59
N GLY A 62 -23.64 1.28 -38.07
CA GLY A 62 -24.25 1.36 -39.37
C GLY A 62 -24.84 2.70 -39.72
N ASP A 63 -26.09 2.72 -40.16
CA ASP A 63 -26.71 3.90 -40.76
C ASP A 63 -26.96 4.97 -39.70
N SER A 64 -26.05 5.95 -39.64
CA SER A 64 -26.20 7.14 -38.81
C SER A 64 -26.36 6.84 -37.33
N VAL A 65 -25.80 5.72 -36.86
CA VAL A 65 -25.78 5.39 -35.44
C VAL A 65 -24.36 5.56 -34.93
N GLY A 66 -24.20 6.36 -33.90
CA GLY A 66 -22.91 6.57 -33.26
C GLY A 66 -22.81 5.73 -32.00
N ALA A 67 -21.59 5.28 -31.70
CA ALA A 67 -21.33 4.41 -30.57
C ALA A 67 -20.14 4.90 -29.78
N VAL A 68 -20.26 4.85 -28.46
CA VAL A 68 -19.16 5.11 -27.54
C VAL A 68 -19.08 3.96 -26.56
N LYS A 69 -17.86 3.58 -26.18
CA LYS A 69 -17.60 2.52 -25.23
C LYS A 69 -17.18 3.13 -23.90
N ARG A 70 -17.80 2.66 -22.83
CA ARG A 70 -17.44 3.16 -21.48
C ARG A 70 -16.07 2.62 -21.10
N GLN A 71 -15.23 3.44 -20.45
CA GLN A 71 -13.90 3.07 -20.03
C GLN A 71 -13.89 2.69 -18.55
N SER A 72 -13.02 1.76 -18.19
CA SER A 72 -12.93 1.30 -16.82
C SER A 72 -11.51 0.83 -16.53
N GLN A 73 -11.20 0.73 -15.24
CA GLN A 73 -9.92 0.23 -14.77
C GLN A 73 -10.11 -1.14 -14.14
N PRO A 74 -9.39 -2.15 -14.60
CA PRO A 74 -9.58 -3.50 -14.07
C PRO A 74 -8.96 -3.66 -12.69
N VAL A 75 -9.45 -4.67 -11.98
CA VAL A 75 -8.97 -5.01 -10.65
C VAL A 75 -7.83 -6.01 -10.79
N VAL A 76 -6.83 -5.89 -9.93
CA VAL A 76 -5.68 -6.79 -9.94
C VAL A 76 -5.66 -7.60 -8.66
N GLU A 77 -5.22 -8.86 -8.79
CA GLU A 77 -5.09 -9.79 -7.68
C GLU A 77 -3.63 -10.13 -7.46
N PHE A 78 -3.18 -9.99 -6.23
CA PHE A 78 -1.82 -10.30 -5.82
C PHE A 78 -1.84 -11.51 -4.89
N ARG A 79 -0.98 -12.50 -5.17
CA ARG A 79 -0.88 -13.70 -4.36
C ARG A 79 0.59 -14.01 -4.09
N VAL A 80 0.91 -14.32 -2.84
CA VAL A 80 2.26 -14.68 -2.43
C VAL A 80 2.18 -15.98 -1.63
N PRO A 81 2.75 -17.08 -2.11
CA PRO A 81 2.74 -18.32 -1.33
C PRO A 81 3.91 -18.43 -0.35
N PHE A 82 3.68 -19.20 0.71
CA PHE A 82 4.69 -19.49 1.71
C PHE A 82 4.44 -20.89 2.28
N ILE A 83 5.51 -21.44 2.87
CA ILE A 83 5.43 -22.84 3.36
C ILE A 83 5.75 -22.93 4.84
N LEU A 84 4.87 -23.56 5.62
CA LEU A 84 5.10 -23.84 7.03
C LEU A 84 5.46 -25.31 7.20
N THR A 85 6.13 -25.62 8.32
CA THR A 85 6.80 -26.91 8.47
C THR A 85 5.96 -27.98 9.15
N ARG A 86 4.74 -27.68 9.60
CA ARG A 86 3.84 -28.64 10.23
C ARG A 86 4.33 -29.06 11.62
N GLN A 87 5.56 -28.69 11.96
CA GLN A 87 6.04 -28.91 13.36
C GLN A 87 5.64 -27.65 14.15
N ALA A 88 5.82 -26.45 13.57
CA ALA A 88 5.35 -25.23 14.22
C ALA A 88 3.83 -25.25 14.39
N ILE A 89 3.11 -25.78 13.40
CA ILE A 89 1.65 -25.84 13.48
C ILE A 89 1.21 -26.79 14.58
N ASP A 90 1.83 -27.97 14.67
CA ASP A 90 1.41 -28.94 15.66
C ASP A 90 1.86 -28.55 17.07
N ASP A 91 2.98 -27.82 17.17
CA ASP A 91 3.47 -27.43 18.49
C ASP A 91 2.55 -26.43 19.17
N VAL A 92 1.72 -25.71 18.40
CA VAL A 92 0.86 -24.70 19.00
C VAL A 92 -0.15 -25.34 19.94
N GLU A 93 -0.76 -26.45 19.52
CA GLU A 93 -1.74 -27.13 20.38
C GLU A 93 -1.08 -27.69 21.63
N ARG A 94 0.22 -27.94 21.58
CA ARG A 94 0.98 -28.43 22.72
C ARG A 94 1.49 -27.33 23.63
N GLY A 95 1.10 -26.08 23.40
CA GLY A 95 1.47 -24.98 24.26
C GLY A 95 2.67 -24.16 23.82
N SER A 96 3.14 -24.33 22.59
CA SER A 96 4.26 -23.54 22.10
C SER A 96 3.87 -22.07 21.97
N GLN A 97 4.82 -21.19 22.29
CA GLN A 97 4.64 -19.76 22.13
C GLN A 97 5.69 -19.13 21.23
N ASP A 98 6.63 -19.91 20.70
CA ASP A 98 7.67 -19.42 19.81
C ASP A 98 7.77 -20.28 18.57
N SER A 99 6.62 -20.59 17.97
CA SER A 99 6.60 -21.29 16.69
C SER A 99 7.17 -20.38 15.59
N ASP A 100 7.83 -21.01 14.63
CA ASP A 100 8.53 -20.28 13.57
C ASP A 100 7.51 -19.83 12.53
N TRP A 101 7.17 -18.53 12.54
CA TRP A 101 6.31 -17.94 11.53
C TRP A 101 7.09 -17.02 10.59
N SER A 102 8.38 -17.28 10.42
CA SER A 102 9.19 -16.45 9.53
C SER A 102 8.74 -16.48 8.07
N PRO A 103 8.40 -17.62 7.46
CA PRO A 103 7.91 -17.57 6.07
C PRO A 103 6.67 -16.71 5.91
N LEU A 104 5.78 -16.73 6.89
CA LEU A 104 4.60 -15.87 6.84
C LEU A 104 4.98 -14.40 6.88
N LYS A 105 5.97 -14.04 7.71
CA LYS A 105 6.41 -12.65 7.78
C LYS A 105 7.08 -12.21 6.49
N GLU A 106 7.87 -13.09 5.88
CA GLU A 106 8.48 -12.74 4.59
C GLU A 106 7.44 -12.59 3.50
N ALA A 107 6.42 -13.45 3.48
CA ALA A 107 5.34 -13.28 2.51
C ALA A 107 4.58 -11.99 2.75
N ALA A 108 4.33 -11.64 4.01
CA ALA A 108 3.65 -10.38 4.32
C ALA A 108 4.47 -9.19 3.84
N ARG A 109 5.78 -9.22 4.06
CA ARG A 109 6.65 -8.16 3.58
C ARG A 109 6.60 -8.05 2.07
N LYS A 110 6.63 -9.20 1.38
CA LYS A 110 6.61 -9.20 -0.08
C LYS A 110 5.31 -8.60 -0.61
N ILE A 111 4.18 -9.00 -0.06
CA ILE A 111 2.90 -8.52 -0.59
C ILE A 111 2.69 -7.05 -0.24
N ALA A 112 3.11 -6.63 0.96
CA ALA A 112 3.01 -5.21 1.31
C ALA A 112 3.89 -4.37 0.41
N GLY A 113 5.10 -4.84 0.11
CA GLY A 113 5.96 -4.11 -0.81
C GLY A 113 5.39 -4.01 -2.20
N ALA A 114 4.80 -5.09 -2.70
CA ALA A 114 4.17 -5.06 -4.02
C ALA A 114 3.02 -4.06 -4.05
N GLU A 115 2.16 -4.09 -3.03
CA GLU A 115 1.04 -3.16 -2.96
C GLU A 115 1.53 -1.71 -2.90
N ASP A 116 2.51 -1.44 -2.05
CA ASP A 116 3.02 -0.08 -1.90
C ASP A 116 3.68 0.42 -3.18
N ARG A 117 4.46 -0.44 -3.85
CA ARG A 117 5.11 -0.02 -5.08
C ARG A 117 4.11 0.20 -6.19
N ALA A 118 3.02 -0.59 -6.23
CA ALA A 118 1.98 -0.34 -7.21
C ALA A 118 1.30 1.00 -6.95
N VAL A 119 1.00 1.30 -5.69
CA VAL A 119 0.26 2.53 -5.38
C VAL A 119 1.15 3.76 -5.61
N PHE A 120 2.42 3.69 -5.24
CA PHE A 120 3.29 4.88 -5.30
C PHE A 120 3.99 5.01 -6.65
N ASP A 121 4.66 3.95 -7.09
CA ASP A 121 5.45 4.02 -8.32
C ASP A 121 4.71 3.50 -9.54
N GLY A 122 3.57 2.85 -9.37
CA GLY A 122 2.78 2.40 -10.50
C GLY A 122 3.11 0.98 -10.92
N TYR A 123 2.12 0.33 -11.53
CA TYR A 123 2.25 -1.02 -12.06
C TYR A 123 1.61 -1.01 -13.45
N ALA A 124 2.45 -0.99 -14.49
CA ALA A 124 1.95 -0.76 -15.85
C ALA A 124 1.09 -1.91 -16.35
N ALA A 125 1.43 -3.15 -15.96
CA ALA A 125 0.67 -4.30 -16.44
C ALA A 125 -0.78 -4.26 -15.98
N ALA A 126 -1.04 -3.79 -14.77
CA ALA A 126 -2.39 -3.72 -14.24
C ALA A 126 -3.10 -2.41 -14.55
N GLY A 127 -2.47 -1.51 -15.31
CA GLY A 127 -3.09 -0.24 -15.61
C GLY A 127 -3.09 0.75 -14.47
N ILE A 128 -2.18 0.61 -13.51
CA ILE A 128 -2.10 1.52 -12.37
C ILE A 128 -1.01 2.54 -12.66
N GLY A 129 -1.41 3.82 -12.75
CA GLY A 129 -0.45 4.86 -13.05
C GLY A 129 0.56 5.09 -11.94
N GLY A 130 0.10 5.14 -10.70
CA GLY A 130 0.95 5.45 -9.58
C GLY A 130 0.86 6.92 -9.19
N ILE A 131 1.06 7.18 -7.90
CA ILE A 131 0.90 8.54 -7.38
C ILE A 131 2.00 9.45 -7.88
N ARG A 132 3.25 8.99 -7.84
CA ARG A 132 4.39 9.84 -8.16
C ARG A 132 4.54 10.11 -9.66
N PRO A 133 4.55 9.08 -10.52
CA PRO A 133 4.67 9.37 -11.96
C PRO A 133 3.49 10.14 -12.52
N GLN A 134 2.34 10.13 -11.85
CA GLN A 134 1.15 10.86 -12.30
C GLN A 134 0.98 12.18 -11.55
N SER A 135 2.08 12.84 -11.18
CA SER A 135 2.03 14.11 -10.49
C SER A 135 2.30 15.23 -11.50
N SER A 136 1.49 16.28 -11.45
CA SER A 136 1.68 17.41 -12.35
C SER A 136 2.63 18.46 -11.79
N ASN A 137 2.99 18.36 -10.51
CA ASN A 137 3.95 19.28 -9.92
C ASN A 137 5.37 18.85 -10.27
N SER A 138 6.30 19.77 -10.11
CA SER A 138 7.70 19.49 -10.43
C SER A 138 8.37 18.75 -9.27
N PRO A 139 9.01 17.62 -9.52
CA PRO A 139 9.65 16.87 -8.43
C PRO A 139 10.86 17.59 -7.85
N LEU A 140 11.10 17.35 -6.57
CA LEU A 140 12.18 17.97 -5.82
C LEU A 140 13.14 16.90 -5.33
N THR A 141 14.44 17.18 -5.41
CA THR A 141 15.44 16.23 -4.93
C THR A 141 15.70 16.42 -3.44
N LEU A 142 15.80 15.31 -2.72
CA LEU A 142 16.04 15.38 -1.28
C LEU A 142 17.51 15.71 -1.01
N PRO A 143 17.78 16.40 0.10
CA PRO A 143 19.17 16.79 0.41
C PRO A 143 19.97 15.63 1.02
N VAL A 144 21.29 15.77 0.96
CA VAL A 144 22.18 14.77 1.54
C VAL A 144 22.13 14.81 3.06
N ALA A 145 22.07 16.01 3.63
CA ALA A 145 22.06 16.18 5.08
C ALA A 145 20.64 16.51 5.55
N ALA A 146 20.38 16.17 6.81
CA ALA A 146 19.04 16.38 7.37
C ALA A 146 18.71 17.86 7.52
N SER A 147 19.74 18.70 7.69
CA SER A 147 19.51 20.14 7.87
C SER A 147 18.83 20.74 6.65
N GLY A 148 19.01 20.13 5.48
CA GLY A 148 18.38 20.65 4.27
C GLY A 148 16.92 20.30 4.16
N TYR A 149 16.41 19.42 5.02
CA TYR A 149 15.01 19.00 4.91
C TYR A 149 14.00 20.11 5.11
N PRO A 150 14.12 21.00 6.10
CA PRO A 150 13.11 22.07 6.23
C PRO A 150 13.00 22.95 4.99
N ASP A 151 14.09 23.15 4.26
CA ASP A 151 14.04 23.96 3.05
C ASP A 151 13.24 23.29 1.95
N VAL A 152 13.46 21.98 1.73
CA VAL A 152 12.75 21.28 0.67
C VAL A 152 11.26 21.18 1.00
N ILE A 153 10.94 20.72 2.21
CA ILE A 153 9.54 20.51 2.59
C ILE A 153 8.74 21.79 2.38
N ALA A 154 9.27 22.91 2.89
CA ALA A 154 8.60 24.19 2.71
C ALA A 154 8.34 24.47 1.24
N ARG A 155 9.35 24.32 0.39
CA ARG A 155 9.14 24.56 -1.03
C ARG A 155 8.06 23.63 -1.58
N ALA A 156 8.11 22.35 -1.19
CA ALA A 156 7.06 21.44 -1.63
C ALA A 156 5.69 21.93 -1.20
N LEU A 157 5.58 22.37 0.07
CA LEU A 157 4.31 22.90 0.55
C LEU A 157 3.87 24.06 -0.32
N ASP A 158 4.80 24.93 -0.68
CA ASP A 158 4.45 26.08 -1.51
C ASP A 158 3.80 25.62 -2.81
N GLN A 159 4.37 24.59 -3.45
CA GLN A 159 3.77 24.09 -4.68
C GLN A 159 2.32 23.74 -4.46
N LEU A 160 2.02 22.98 -3.40
CA LEU A 160 0.64 22.62 -3.12
C LEU A 160 -0.21 23.88 -2.99
N ARG A 161 0.29 24.85 -2.21
CA ARG A 161 -0.47 26.08 -2.02
C ARG A 161 -0.67 26.82 -3.33
N VAL A 162 0.35 26.84 -4.18
CA VAL A 162 0.21 27.52 -5.45
C VAL A 162 -0.78 26.77 -6.34
N ALA A 163 -0.86 25.44 -6.19
CA ALA A 163 -1.78 24.66 -7.00
C ALA A 163 -3.22 24.80 -6.55
N GLY A 164 -3.48 25.52 -5.45
CA GLY A 164 -4.82 25.63 -4.93
C GLY A 164 -5.27 24.49 -4.07
N VAL A 165 -4.36 23.58 -3.71
CA VAL A 165 -4.72 22.41 -2.92
C VAL A 165 -4.71 22.78 -1.45
N ASN A 166 -5.72 22.28 -0.73
CA ASN A 166 -5.95 22.55 0.67
C ASN A 166 -5.82 21.25 1.47
N GLY A 167 -6.20 21.31 2.73
CA GLY A 167 -6.29 20.13 3.55
C GLY A 167 -4.98 19.81 4.23
N PRO A 168 -5.01 18.88 5.17
CA PRO A 168 -3.77 18.50 5.87
C PRO A 168 -2.72 17.97 4.91
N TYR A 169 -1.47 18.27 5.22
CA TYR A 169 -0.34 17.87 4.39
C TYR A 169 0.47 16.82 5.14
N HIS A 170 0.67 15.67 4.50
CA HIS A 170 1.33 14.53 5.11
C HIS A 170 2.59 14.18 4.31
N LEU A 171 3.61 13.76 5.05
CA LEU A 171 4.90 13.40 4.48
C LEU A 171 5.14 11.91 4.65
N VAL A 172 5.49 11.26 3.54
CA VAL A 172 5.84 9.84 3.51
C VAL A 172 7.29 9.74 3.08
N LEU A 173 8.11 9.07 3.87
CA LEU A 173 9.53 8.97 3.61
C LEU A 173 9.96 7.52 3.53
N GLY A 174 10.87 7.23 2.59
CA GLY A 174 11.48 5.92 2.51
C GLY A 174 12.46 5.69 3.64
N GLU A 175 13.04 4.48 3.65
CA GLU A 175 13.84 4.05 4.79
C GLU A 175 15.05 4.95 5.00
N ASN A 176 15.81 5.23 3.94
CA ASN A 176 17.02 6.03 4.09
C ASN A 176 16.68 7.45 4.54
N ALA A 177 15.69 8.07 3.89
CA ALA A 177 15.32 9.43 4.25
C ALA A 177 14.76 9.49 5.66
N TYR A 178 13.94 8.50 6.05
CA TYR A 178 13.37 8.49 7.39
C TYR A 178 14.47 8.34 8.44
N THR A 179 15.42 7.43 8.23
CA THR A 179 16.46 7.24 9.22
C THR A 179 17.43 8.42 9.25
N LEU A 180 17.58 9.12 8.12
CA LEU A 180 18.42 10.32 8.13
C LEU A 180 17.75 11.45 8.90
N ILE A 181 16.45 11.63 8.71
CA ILE A 181 15.75 12.72 9.39
C ILE A 181 15.61 12.44 10.88
N THR A 182 15.48 11.17 11.26
CA THR A 182 15.26 10.84 12.67
C THR A 182 16.55 10.67 13.45
N SER A 183 17.70 10.56 12.79
CA SER A 183 18.95 10.31 13.48
C SER A 183 19.61 11.57 14.00
N GLY A 184 18.97 12.70 13.77
CA GLY A 184 19.47 13.98 14.33
C GLY A 184 20.63 14.57 13.54
N ASN A 185 21.01 15.81 13.88
CA ASN A 185 22.16 16.49 13.22
C ASN A 185 23.24 16.67 14.27
N GLU A 186 24.49 16.86 13.83
CA GLU A 186 25.61 16.94 14.81
C GLU A 186 25.87 18.41 15.15
N ASP A 187 25.03 19.32 14.65
CA ASP A 187 25.18 20.74 14.93
C ASP A 187 24.13 21.25 15.91
N GLY A 188 23.28 20.36 16.43
CA GLY A 188 22.26 20.77 17.39
C GLY A 188 21.06 21.45 16.78
N TYR A 189 20.91 21.41 15.46
CA TYR A 189 19.74 22.01 14.82
C TYR A 189 18.51 21.14 15.06
N PRO A 190 17.39 21.71 15.49
CA PRO A 190 16.15 20.91 15.68
C PRO A 190 15.31 20.83 14.41
N VAL A 191 15.78 20.04 13.43
CA VAL A 191 15.04 19.93 12.19
C VAL A 191 13.73 19.17 12.39
N LEU A 192 13.67 18.26 13.34
CA LEU A 192 12.47 17.46 13.55
C LEU A 192 11.31 18.34 14.04
N GLN A 193 11.59 19.24 14.98
CA GLN A 193 10.55 20.12 15.49
C GLN A 193 10.06 21.08 14.41
N HIS A 194 10.97 21.60 13.59
CA HIS A 194 10.57 22.48 12.49
C HIS A 194 9.71 21.72 11.47
N ILE A 195 10.12 20.50 11.13
CA ILE A 195 9.34 19.69 10.18
C ILE A 195 7.95 19.44 10.73
N HIS A 196 7.85 19.07 12.01
CA HIS A 196 6.55 18.83 12.60
C HIS A 196 5.75 20.12 12.77
N ARG A 197 6.43 21.27 12.73
CA ARG A 197 5.70 22.53 12.62
C ARG A 197 5.13 22.74 11.23
N LEU A 198 5.82 22.24 10.20
CA LEU A 198 5.33 22.44 8.84
C LEU A 198 4.28 21.41 8.44
N ILE A 199 4.50 20.13 8.75
CA ILE A 199 3.58 19.06 8.34
C ILE A 199 2.47 18.88 9.36
N ASP A 200 1.41 18.16 8.99
CA ASP A 200 0.20 18.06 9.78
C ASP A 200 -0.03 16.66 10.34
N GLY A 201 1.02 15.87 10.55
CA GLY A 201 0.85 14.57 11.14
C GLY A 201 2.20 13.97 11.49
N GLU A 202 2.15 12.69 11.86
CA GLU A 202 3.39 11.93 12.01
C GLU A 202 3.97 11.64 10.63
N ILE A 203 5.31 11.61 10.55
CA ILE A 203 5.95 11.19 9.31
C ILE A 203 5.68 9.71 9.10
N VAL A 204 5.27 9.36 7.89
CA VAL A 204 4.96 7.97 7.55
C VAL A 204 6.23 7.30 7.06
N TRP A 205 6.47 6.09 7.55
CA TRP A 205 7.64 5.29 7.19
C TRP A 205 7.22 4.30 6.11
N ALA A 206 7.92 4.32 4.97
CA ALA A 206 7.59 3.48 3.82
C ALA A 206 8.81 2.66 3.41
N PRO A 207 8.95 1.42 3.89
CA PRO A 207 10.12 0.62 3.53
C PRO A 207 10.18 0.24 2.05
N ALA A 208 9.07 0.28 1.33
CA ALA A 208 9.02 -0.20 -0.05
C ALA A 208 9.53 0.80 -1.06
N ILE A 209 9.53 2.11 -0.76
CA ILE A 209 9.81 3.13 -1.76
C ILE A 209 11.11 3.84 -1.39
N GLU A 210 11.66 4.54 -2.39
CA GLU A 210 12.80 5.41 -2.23
C GLU A 210 12.36 6.85 -2.38
N GLY A 211 13.07 7.76 -1.71
CA GLY A 211 12.67 9.16 -1.74
C GLY A 211 11.49 9.41 -0.81
N GLY A 212 10.55 10.21 -1.29
CA GLY A 212 9.39 10.52 -0.47
C GLY A 212 8.28 11.14 -1.27
N VAL A 213 7.22 11.52 -0.55
CA VAL A 213 6.06 12.17 -1.12
C VAL A 213 5.45 13.11 -0.09
N LEU A 214 5.07 14.30 -0.53
CA LEU A 214 4.27 15.21 0.27
C LEU A 214 2.91 15.36 -0.39
N LEU A 215 1.85 15.02 0.33
CA LEU A 215 0.55 14.94 -0.32
C LEU A 215 -0.54 15.44 0.60
N SER A 216 -1.65 15.87 0.00
CA SER A 216 -2.79 16.32 0.77
C SER A 216 -3.71 15.15 1.11
N THR A 217 -4.20 15.13 2.35
CA THR A 217 -5.16 14.13 2.79
C THR A 217 -6.50 14.77 3.07
N ARG A 218 -6.90 15.72 2.23
CA ARG A 218 -8.24 16.29 2.34
C ARG A 218 -9.31 15.28 1.98
N GLY A 219 -9.00 14.34 1.10
CA GLY A 219 -9.93 13.31 0.69
C GLY A 219 -10.40 13.55 -0.74
N GLY A 220 -10.51 12.46 -1.50
CA GLY A 220 -11.00 12.53 -2.86
C GLY A 220 -9.94 12.64 -3.94
N ASP A 221 -8.66 12.50 -3.60
CA ASP A 221 -7.59 12.62 -4.57
C ASP A 221 -6.96 11.30 -4.95
N PHE A 222 -6.92 10.34 -4.03
CA PHE A 222 -6.27 9.05 -4.26
C PHE A 222 -7.21 7.97 -3.73
N ALA A 223 -7.83 7.23 -4.64
CA ALA A 223 -8.86 6.26 -4.30
C ALA A 223 -8.29 4.85 -4.47
N MET A 224 -8.35 4.06 -3.40
CA MET A 224 -7.96 2.66 -3.42
C MET A 224 -9.23 1.83 -3.23
N ASP A 225 -9.67 1.17 -4.29
CA ASP A 225 -10.87 0.35 -4.25
C ASP A 225 -10.49 -1.09 -3.94
N ILE A 226 -10.93 -1.57 -2.78
CA ILE A 226 -10.55 -2.89 -2.29
C ILE A 226 -11.66 -3.88 -2.66
N GLY A 227 -11.30 -4.89 -3.42
CA GLY A 227 -12.22 -5.98 -3.68
C GLY A 227 -12.12 -7.02 -2.59
N GLN A 228 -10.91 -7.50 -2.34
CA GLN A 228 -10.64 -8.46 -1.29
C GLN A 228 -9.45 -7.97 -0.48
N ASP A 229 -9.61 -7.85 0.83
CA ASP A 229 -8.50 -7.50 1.68
C ASP A 229 -7.53 -8.67 1.78
N ILE A 230 -6.34 -8.40 2.35
CA ILE A 230 -5.33 -9.45 2.44
C ILE A 230 -5.86 -10.57 3.32
N SER A 231 -5.82 -11.79 2.79
CA SER A 231 -6.37 -12.96 3.46
C SER A 231 -5.44 -14.14 3.22
N ILE A 232 -5.58 -15.14 4.08
CA ILE A 232 -4.76 -16.34 4.04
C ILE A 232 -5.58 -17.47 3.43
N GLY A 233 -5.01 -18.14 2.44
CA GLY A 233 -5.65 -19.29 1.82
C GLY A 233 -4.70 -20.47 1.78
N TYR A 234 -5.27 -21.64 1.49
CA TYR A 234 -4.56 -22.91 1.52
C TYR A 234 -4.40 -23.45 0.10
N LEU A 235 -3.23 -24.02 -0.20
CA LEU A 235 -2.95 -24.59 -1.50
C LEU A 235 -2.79 -26.11 -1.46
N SER A 236 -1.85 -26.61 -0.65
CA SER A 236 -1.52 -28.03 -0.62
C SER A 236 -0.68 -28.30 0.61
N HIS A 237 -0.49 -29.57 0.90
CA HIS A 237 0.35 -29.96 2.02
C HIS A 237 1.03 -31.29 1.73
N THR A 238 2.20 -31.47 2.31
CA THR A 238 2.93 -32.73 2.32
C THR A 238 2.88 -33.31 3.74
N ALA A 239 3.63 -34.39 3.93
CA ALA A 239 3.72 -34.99 5.26
C ALA A 239 4.41 -34.07 6.26
N THR A 240 5.24 -33.13 5.79
CA THR A 240 6.01 -32.28 6.68
C THR A 240 5.89 -30.79 6.35
N HIS A 241 4.98 -30.39 5.47
CA HIS A 241 4.87 -28.98 5.12
C HIS A 241 3.45 -28.67 4.70
N VAL A 242 3.08 -27.39 4.79
CA VAL A 242 1.79 -26.87 4.36
C VAL A 242 2.02 -25.64 3.50
N GLU A 243 1.36 -25.60 2.34
CA GLU A 243 1.40 -24.46 1.43
C GLU A 243 0.24 -23.52 1.73
N LEU A 244 0.54 -22.29 2.10
CA LEU A 244 -0.47 -21.25 2.23
C LEU A 244 -0.11 -20.09 1.32
N TYR A 245 -1.01 -19.13 1.24
CA TYR A 245 -0.74 -17.93 0.45
C TYR A 245 -1.45 -16.74 1.07
N LEU A 246 -0.90 -15.56 0.79
CA LEU A 246 -1.52 -14.29 1.12
C LEU A 246 -2.06 -13.69 -0.17
N GLN A 247 -3.32 -13.27 -0.15
CA GLN A 247 -3.97 -12.79 -1.35
C GLN A 247 -4.74 -11.51 -1.09
N GLU A 248 -4.68 -10.60 -2.06
CA GLU A 248 -5.45 -9.36 -2.01
C GLU A 248 -5.91 -9.00 -3.42
N SER A 249 -6.95 -8.19 -3.50
CA SER A 249 -7.56 -7.81 -4.78
C SER A 249 -8.00 -6.37 -4.69
N PHE A 250 -7.43 -5.52 -5.54
CA PHE A 250 -7.66 -4.08 -5.45
C PHE A 250 -7.38 -3.41 -6.79
N THR A 251 -7.78 -2.15 -6.86
CA THR A 251 -7.37 -1.23 -7.93
C THR A 251 -7.11 0.14 -7.30
N PHE A 252 -6.24 0.92 -7.94
CA PHE A 252 -5.88 2.24 -7.44
C PHE A 252 -5.93 3.26 -8.57
N ARG A 253 -6.47 4.44 -8.26
CA ARG A 253 -6.55 5.54 -9.21
C ARG A 253 -6.09 6.84 -8.56
N THR A 254 -5.34 7.63 -9.31
CA THR A 254 -4.99 8.99 -8.90
C THR A 254 -5.96 9.95 -9.59
N LEU A 255 -6.74 10.67 -8.80
CA LEU A 255 -7.78 11.54 -9.34
C LEU A 255 -7.32 12.99 -9.46
N THR A 256 -6.51 13.47 -8.52
CA THR A 256 -5.98 14.83 -8.54
C THR A 256 -4.47 14.76 -8.66
N SER A 257 -3.93 15.15 -9.82
CA SER A 257 -2.50 15.09 -10.05
C SER A 257 -1.73 16.25 -9.44
N GLU A 258 -2.41 17.33 -9.06
CA GLU A 258 -1.75 18.49 -8.48
C GLU A 258 -1.70 18.43 -6.95
N ALA A 259 -2.21 17.37 -6.35
CA ALA A 259 -2.30 17.25 -4.90
C ALA A 259 -1.13 16.48 -4.29
N VAL A 260 -0.10 16.18 -5.06
CA VAL A 260 1.05 15.43 -4.56
C VAL A 260 2.32 16.01 -5.17
N VAL A 261 3.39 16.03 -4.38
CA VAL A 261 4.73 16.40 -4.83
C VAL A 261 5.66 15.24 -4.49
N SER A 262 6.43 14.80 -5.47
CA SER A 262 7.32 13.65 -5.31
C SER A 262 8.73 14.13 -5.00
N LEU A 263 9.31 13.59 -3.95
CA LEU A 263 10.67 13.94 -3.53
C LEU A 263 11.63 12.85 -3.99
N LEU A 264 12.59 13.22 -4.75
CA LEU A 264 13.51 12.23 -5.30
C LEU A 264 14.58 11.87 -4.27
N PRO A 265 15.06 10.63 -4.28
CA PRO A 265 16.13 10.25 -3.35
C PRO A 265 17.39 11.06 -3.60
N SER A 266 18.10 11.34 -2.50
CA SER A 266 19.28 12.19 -2.58
C SER A 266 20.39 11.52 -3.39
N GLU A 267 21.19 12.33 -4.06
CA GLU A 267 22.28 11.83 -4.88
C GLU A 267 23.63 12.03 -4.19
N SER B 1 -15.12 -14.15 4.94
CA SER B 1 -14.43 -15.02 5.88
C SER B 1 -13.02 -15.32 5.42
N GLY B 2 -12.08 -15.36 6.37
CA GLY B 2 -10.69 -15.61 6.08
C GLY B 2 -9.85 -14.35 5.91
N SER B 3 -10.47 -13.19 5.86
CA SER B 3 -9.74 -11.94 5.73
C SER B 3 -9.18 -11.49 7.07
N LEU B 4 -8.10 -10.71 7.02
CA LEU B 4 -7.49 -10.16 8.21
C LEU B 4 -8.08 -8.82 8.62
N ASN B 5 -8.94 -8.24 7.79
CA ASN B 5 -9.64 -6.98 8.09
C ASN B 5 -8.65 -5.86 8.43
N ILE B 6 -7.62 -5.71 7.60
CA ILE B 6 -6.68 -4.62 7.79
C ILE B 6 -7.35 -3.28 7.53
N GLY B 7 -8.06 -3.18 6.42
CA GLY B 7 -8.80 -1.97 6.11
C GLY B 7 -7.90 -0.76 5.95
N SER B 8 -8.39 0.40 6.39
CA SER B 8 -7.66 1.65 6.28
C SER B 8 -6.90 1.91 7.58
N LEU B 9 -5.67 2.40 7.46
CA LEU B 9 -4.85 2.69 8.67
C LEU B 9 -4.69 4.22 8.84
N LYS B 10 -5.60 5.01 8.28
CA LYS B 10 -5.49 6.49 8.36
C LYS B 10 -6.36 7.01 9.51
#